data_5CWG
#
_entry.id   5CWG
#
_cell.length_a   47.590
_cell.length_b   50.560
_cell.length_c   72.430
_cell.angle_alpha   90.000
_cell.angle_beta   90.000
_cell.angle_gamma   90.000
#
_symmetry.space_group_name_H-M   'P 21 2 21'
#
loop_
_entity.id
_entity.type
_entity.pdbx_description
1 polymer 'Designed helical repeat protein'
2 non-polymer 1,2-ETHANEDIOL
3 non-polymer 'UNKNOWN LIGAND'
4 water water
#
_entity_poly.entity_id   1
_entity_poly.type   'polypeptide(L)'
_entity_poly.pdbx_seq_one_letter_code
;MSSEKEELRERLVKIVVENAKRKGDDTEEAREAAREAFELVREAAERAGIDSSEVLELAIRLIKEVVENAQREGYDISEA
ARAAAEAFKRVAEAAKRAGITSSEVLELAIRLIKEVVENAQREGYDISEAARAAAEAFKRVAEAAKRAGITSSETLKRAI
EEIRKRVEEAQREGNDISEAARQAAEEFRKKAEELKRRGDGWLEHHHHHH
;
_entity_poly.pdbx_strand_id   A
#
loop_
_chem_comp.id
_chem_comp.type
_chem_comp.name
_chem_comp.formula
EDO non-polymer 1,2-ETHANEDIOL 'C2 H6 O2'
UNL non-polymer 'UNKNOWN LIGAND' ?
#
# COMPACT_ATOMS: atom_id res chain seq x y z
N SER A 2 -17.06 -12.73 4.00
CA SER A 2 -18.01 -12.57 5.09
C SER A 2 -17.69 -13.53 6.23
N SER A 3 -17.97 -14.81 6.04
CA SER A 3 -17.43 -15.81 6.94
C SER A 3 -15.93 -15.75 6.61
N GLU A 4 -15.60 -15.55 5.33
CA GLU A 4 -14.19 -15.35 4.95
C GLU A 4 -13.66 -14.04 5.53
N LYS A 5 -14.46 -12.99 5.53
CA LYS A 5 -13.99 -11.71 6.06
C LYS A 5 -13.70 -11.86 7.54
N GLU A 6 -14.54 -12.59 8.27
CA GLU A 6 -14.33 -12.80 9.70
C GLU A 6 -13.05 -13.57 9.93
N GLU A 7 -12.80 -14.60 9.14
CA GLU A 7 -11.61 -15.43 9.29
C GLU A 7 -10.37 -14.61 8.95
N LEU A 8 -10.47 -13.76 7.94
CA LEU A 8 -9.35 -12.92 7.55
C LEU A 8 -9.02 -11.92 8.66
N ARG A 9 -10.04 -11.30 9.24
CA ARG A 9 -9.82 -10.37 10.33
C ARG A 9 -9.12 -11.09 11.48
N GLU A 10 -9.60 -12.28 11.82
CA GLU A 10 -8.98 -13.02 12.93
C GLU A 10 -7.52 -13.33 12.64
N ARG A 11 -7.19 -13.64 11.38
CA ARG A 11 -5.80 -13.90 11.00
C ARG A 11 -4.96 -12.65 11.21
N LEU A 12 -5.50 -11.50 10.81
CA LEU A 12 -4.76 -10.25 11.02
C LEU A 12 -4.55 -9.95 12.50
N VAL A 13 -5.60 -10.11 13.30
CA VAL A 13 -5.50 -9.84 14.72
C VAL A 13 -4.37 -10.69 15.32
N LYS A 14 -4.35 -11.97 14.99
N LYS A 14 -4.29 -11.95 14.94
CA LYS A 14 -3.34 -12.88 15.55
CA LYS A 14 -3.22 -12.81 15.45
C LYS A 14 -1.94 -12.43 15.16
C LYS A 14 -1.83 -12.29 15.05
N ILE A 15 -1.76 -12.01 13.92
N ILE A 15 -1.66 -11.93 13.79
CA ILE A 15 -0.47 -11.52 13.43
CA ILE A 15 -0.39 -11.42 13.27
C ILE A 15 -0.02 -10.29 14.22
C ILE A 15 0.05 -10.19 14.05
N VAL A 16 -0.88 -9.29 14.28
CA VAL A 16 -0.52 -8.01 14.89
C VAL A 16 -0.23 -8.23 16.37
N VAL A 17 -1.06 -8.99 17.05
CA VAL A 17 -0.86 -9.26 18.46
C VAL A 17 0.44 -10.02 18.71
N GLU A 18 0.74 -11.03 17.90
N GLU A 18 0.75 -11.03 17.90
CA GLU A 18 1.94 -11.82 18.11
CA GLU A 18 1.95 -11.84 18.11
C GLU A 18 3.19 -10.95 17.94
C GLU A 18 3.21 -10.98 17.90
N ASN A 19 3.16 -10.05 16.98
CA ASN A 19 4.29 -9.16 16.74
C ASN A 19 4.47 -8.17 17.88
N ALA A 20 3.36 -7.66 18.39
CA ALA A 20 3.44 -6.77 19.55
C ALA A 20 4.02 -7.54 20.76
N LYS A 21 3.54 -8.74 20.98
CA LYS A 21 4.02 -9.56 22.09
C LYS A 21 5.53 -9.83 21.95
N ARG A 22 5.98 -10.10 20.73
N ARG A 22 5.99 -10.07 20.73
CA ARG A 22 7.39 -10.40 20.47
CA ARG A 22 7.38 -10.41 20.51
C ARG A 22 8.31 -9.29 20.98
C ARG A 22 8.35 -9.29 20.89
N LYS A 23 7.92 -8.03 20.74
CA LYS A 23 8.78 -6.92 21.12
C LYS A 23 8.33 -6.15 22.35
N GLY A 24 7.34 -6.66 23.06
CA GLY A 24 6.85 -6.02 24.25
C GLY A 24 5.98 -4.79 24.05
N ASP A 25 5.42 -4.60 22.85
CA ASP A 25 4.43 -3.54 22.64
C ASP A 25 3.10 -4.02 23.25
N ASP A 26 2.23 -3.07 23.59
CA ASP A 26 0.99 -3.39 24.28
C ASP A 26 0.06 -4.23 23.41
N THR A 27 -0.33 -5.41 23.92
CA THR A 27 -1.10 -6.34 23.10
C THR A 27 -2.57 -5.99 22.99
N GLU A 28 -3.14 -5.36 24.02
CA GLU A 28 -4.53 -4.90 23.94
C GLU A 28 -4.65 -3.79 22.92
N GLU A 29 -3.69 -2.88 22.89
CA GLU A 29 -3.64 -1.84 21.88
C GLU A 29 -3.51 -2.45 20.49
N ALA A 30 -2.68 -3.48 20.39
CA ALA A 30 -2.43 -4.12 19.11
C ALA A 30 -3.69 -4.81 18.58
N ARG A 31 -4.43 -5.48 19.46
N ARG A 31 -4.43 -5.47 19.47
CA ARG A 31 -5.64 -6.15 19.04
CA ARG A 31 -5.67 -6.14 19.10
C ARG A 31 -6.64 -5.11 18.49
C ARG A 31 -6.68 -5.11 18.58
N GLU A 32 -6.79 -3.99 19.18
N GLU A 32 -6.81 -3.99 19.29
CA GLU A 32 -7.69 -2.93 18.77
CA GLU A 32 -7.64 -2.88 18.88
C GLU A 32 -7.23 -2.31 17.47
C GLU A 32 -7.22 -2.36 17.50
N ALA A 33 -5.93 -2.08 17.35
CA ALA A 33 -5.40 -1.54 16.11
C ALA A 33 -5.66 -2.46 14.93
N ALA A 34 -5.47 -3.77 15.12
CA ALA A 34 -5.72 -4.73 14.05
C ALA A 34 -7.18 -4.72 13.62
N ARG A 35 -8.08 -4.73 14.61
CA ARG A 35 -9.50 -4.68 14.32
C ARG A 35 -9.90 -3.42 13.58
N GLU A 36 -9.40 -2.29 14.03
CA GLU A 36 -9.74 -1.04 13.39
C GLU A 36 -9.09 -0.93 12.01
N ALA A 37 -7.88 -1.47 11.86
CA ALA A 37 -7.22 -1.48 10.57
C ALA A 37 -8.02 -2.32 9.58
N PHE A 38 -8.49 -3.48 10.04
CA PHE A 38 -9.29 -4.35 9.19
C PHE A 38 -10.54 -3.63 8.70
N GLU A 39 -11.25 -2.99 9.62
N GLU A 39 -11.26 -3.00 9.62
CA GLU A 39 -12.50 -2.35 9.28
CA GLU A 39 -12.49 -2.34 9.23
C GLU A 39 -12.26 -1.17 8.34
C GLU A 39 -12.23 -1.19 8.28
N LEU A 40 -11.15 -0.46 8.52
CA LEU A 40 -10.80 0.65 7.65
C LEU A 40 -10.61 0.15 6.21
N VAL A 41 -9.85 -0.92 6.06
N VAL A 41 -9.83 -0.90 6.00
CA VAL A 41 -9.58 -1.50 4.78
CA VAL A 41 -9.58 -1.33 4.63
C VAL A 41 -10.87 -2.03 4.15
C VAL A 41 -10.82 -1.99 4.01
N ARG A 42 -11.67 -2.75 4.93
N ARG A 42 -11.58 -2.73 4.81
CA ARG A 42 -12.86 -3.38 4.41
CA ARG A 42 -12.80 -3.37 4.31
C ARG A 42 -13.84 -2.31 3.90
C ARG A 42 -13.76 -2.30 3.80
N GLU A 43 -14.08 -1.28 4.70
N GLU A 43 -14.01 -1.31 4.64
CA GLU A 43 -15.01 -0.23 4.31
CA GLU A 43 -14.96 -0.27 4.32
C GLU A 43 -14.51 0.54 3.10
C GLU A 43 -14.51 0.54 3.11
N ALA A 44 -13.21 0.84 3.06
CA ALA A 44 -12.69 1.56 1.92
C ALA A 44 -12.85 0.74 0.63
N ALA A 45 -12.53 -0.55 0.69
CA ALA A 45 -12.69 -1.41 -0.46
C ALA A 45 -14.16 -1.50 -0.90
N GLU A 46 -15.05 -1.61 0.07
CA GLU A 46 -16.48 -1.70 -0.25
C GLU A 46 -16.96 -0.44 -0.95
N ARG A 47 -16.59 0.72 -0.45
N ARG A 47 -16.60 0.73 -0.45
CA ARG A 47 -17.03 1.97 -1.08
CA ARG A 47 -17.04 1.96 -1.09
C ARG A 47 -16.51 2.11 -2.50
C ARG A 47 -16.52 2.07 -2.52
N ALA A 48 -15.32 1.56 -2.75
CA ALA A 48 -14.68 1.66 -4.06
C ALA A 48 -15.13 0.52 -5.01
N GLY A 49 -15.95 -0.40 -4.53
CA GLY A 49 -16.42 -1.50 -5.35
C GLY A 49 -15.33 -2.49 -5.70
N ILE A 50 -14.35 -2.65 -4.80
CA ILE A 50 -13.22 -3.54 -5.05
C ILE A 50 -13.02 -4.54 -3.92
N ASP A 51 -14.06 -4.79 -3.14
CA ASP A 51 -13.98 -5.66 -1.96
C ASP A 51 -14.14 -7.15 -2.31
N SER A 52 -13.39 -7.61 -3.30
CA SER A 52 -13.22 -9.03 -3.51
C SER A 52 -12.39 -9.62 -2.38
N SER A 53 -12.50 -10.92 -2.15
N SER A 53 -12.54 -10.91 -2.15
CA SER A 53 -11.65 -11.52 -1.11
CA SER A 53 -11.73 -11.60 -1.14
C SER A 53 -10.18 -11.44 -1.50
C SER A 53 -10.25 -11.40 -1.47
N GLU A 54 -9.85 -11.41 -2.78
N GLU A 54 -9.95 -11.38 -2.75
CA GLU A 54 -8.46 -11.27 -3.21
CA GLU A 54 -8.58 -11.29 -3.22
C GLU A 54 -7.93 -9.88 -2.83
C GLU A 54 -7.95 -9.92 -2.93
N VAL A 55 -8.70 -8.83 -3.11
CA VAL A 55 -8.21 -7.49 -2.75
C VAL A 55 -8.11 -7.35 -1.23
N LEU A 56 -9.07 -7.88 -0.49
CA LEU A 56 -8.99 -7.81 0.96
C LEU A 56 -7.77 -8.59 1.47
N GLU A 57 -7.49 -9.75 0.89
N GLU A 57 -7.47 -9.74 0.88
CA GLU A 57 -6.31 -10.53 1.25
CA GLU A 57 -6.29 -10.49 1.29
C GLU A 57 -5.04 -9.70 0.98
C GLU A 57 -5.01 -9.71 0.98
N LEU A 58 -4.96 -9.01 -0.15
CA LEU A 58 -3.79 -8.21 -0.48
C LEU A 58 -3.62 -7.07 0.52
N ALA A 59 -4.73 -6.42 0.91
CA ALA A 59 -4.67 -5.37 1.91
C ALA A 59 -4.15 -5.89 3.25
N ILE A 60 -4.64 -7.04 3.66
CA ILE A 60 -4.21 -7.64 4.92
C ILE A 60 -2.75 -8.08 4.83
N ARG A 61 -2.33 -8.57 3.67
N ARG A 61 -2.33 -8.56 3.66
CA ARG A 61 -0.93 -8.93 3.50
CA ARG A 61 -0.94 -8.93 3.44
C ARG A 61 -0.04 -7.69 3.62
C ARG A 61 -0.03 -7.72 3.56
N LEU A 62 -0.50 -6.57 3.09
CA LEU A 62 0.24 -5.32 3.22
C LEU A 62 0.43 -4.99 4.70
N ILE A 63 -0.65 -5.03 5.45
CA ILE A 63 -0.58 -4.72 6.87
C ILE A 63 0.37 -5.70 7.58
N LYS A 64 0.22 -6.98 7.29
N LYS A 64 0.21 -6.98 7.28
CA LYS A 64 1.07 -8.03 7.87
CA LYS A 64 1.06 -8.04 7.83
C LYS A 64 2.54 -7.76 7.60
C LYS A 64 2.53 -7.73 7.61
N GLU A 65 2.89 -7.45 6.37
CA GLU A 65 4.28 -7.28 6.02
C GLU A 65 4.87 -6.02 6.65
N VAL A 66 4.09 -4.95 6.69
CA VAL A 66 4.56 -3.73 7.33
C VAL A 66 4.75 -3.95 8.82
N VAL A 67 3.85 -4.68 9.46
CA VAL A 67 3.95 -5.02 10.88
C VAL A 67 5.15 -5.93 11.16
N GLU A 68 5.36 -6.93 10.33
CA GLU A 68 6.49 -7.83 10.53
C GLU A 68 7.81 -7.07 10.37
N ASN A 69 7.90 -6.21 9.37
N ASN A 69 7.89 -6.19 9.40
CA ASN A 69 9.07 -5.34 9.23
CA ASN A 69 9.10 -5.39 9.25
C ASN A 69 9.23 -4.45 10.44
C ASN A 69 9.24 -4.35 10.36
N ALA A 70 8.12 -3.93 10.95
CA ALA A 70 8.18 -3.01 12.09
C ALA A 70 8.84 -3.72 13.27
N GLN A 71 8.51 -4.98 13.46
N GLN A 71 8.48 -4.98 13.46
CA GLN A 71 9.08 -5.76 14.56
CA GLN A 71 9.07 -5.82 14.50
C GLN A 71 10.60 -5.91 14.39
C GLN A 71 10.59 -5.85 14.37
N ARG A 72 11.05 -6.06 13.14
CA ARG A 72 12.49 -6.18 12.88
C ARG A 72 13.23 -4.88 12.93
N GLU A 73 12.55 -3.78 12.64
CA GLU A 73 13.23 -2.51 12.35
C GLU A 73 13.03 -1.42 13.38
N GLY A 74 12.36 -1.73 14.48
CA GLY A 74 12.22 -0.78 15.58
C GLY A 74 11.05 0.20 15.47
N TYR A 75 9.94 -0.24 14.89
CA TYR A 75 8.75 0.59 14.80
C TYR A 75 7.65 0.05 15.68
N ASP A 76 6.86 0.97 16.22
CA ASP A 76 5.72 0.58 17.03
C ASP A 76 4.74 -0.23 16.20
N ILE A 77 4.32 -1.38 16.73
CA ILE A 77 3.50 -2.30 15.95
C ILE A 77 2.13 -1.71 15.62
N SER A 78 1.47 -1.13 16.60
CA SER A 78 0.13 -0.62 16.35
C SER A 78 0.15 0.54 15.38
N GLU A 79 1.09 1.46 15.54
N GLU A 79 1.10 1.45 15.55
CA GLU A 79 1.16 2.57 14.62
CA GLU A 79 1.26 2.59 14.65
C GLU A 79 1.47 2.09 13.21
C GLU A 79 1.49 2.11 13.22
N ALA A 80 2.31 1.08 13.09
CA ALA A 80 2.64 0.52 11.79
C ALA A 80 1.41 -0.09 11.11
N ALA A 81 0.63 -0.83 11.86
CA ALA A 81 -0.58 -1.44 11.32
C ALA A 81 -1.54 -0.38 10.84
N ARG A 82 -1.75 0.65 11.64
CA ARG A 82 -2.67 1.72 11.28
C ARG A 82 -2.20 2.45 10.05
N ALA A 83 -0.89 2.74 9.96
CA ALA A 83 -0.37 3.45 8.81
C ALA A 83 -0.53 2.64 7.52
N ALA A 84 -0.27 1.35 7.58
CA ALA A 84 -0.47 0.48 6.41
C ALA A 84 -1.93 0.51 5.95
N ALA A 85 -2.84 0.41 6.90
CA ALA A 85 -4.29 0.43 6.58
C ALA A 85 -4.68 1.75 5.93
N GLU A 86 -4.18 2.86 6.46
CA GLU A 86 -4.45 4.17 5.89
C GLU A 86 -3.91 4.27 4.46
N ALA A 87 -2.77 3.65 4.19
CA ALA A 87 -2.21 3.68 2.86
C ALA A 87 -3.12 2.94 1.86
N PHE A 88 -3.62 1.77 2.26
CA PHE A 88 -4.56 1.07 1.42
C PHE A 88 -5.81 1.93 1.17
N LYS A 89 -6.31 2.55 2.22
CA LYS A 89 -7.51 3.40 2.08
C LYS A 89 -7.28 4.47 1.00
N ARG A 90 -6.11 5.10 0.99
CA ARG A 90 -5.80 6.06 -0.04
C ARG A 90 -5.81 5.47 -1.44
N VAL A 91 -5.29 4.26 -1.59
CA VAL A 91 -5.32 3.57 -2.87
C VAL A 91 -6.77 3.32 -3.31
N ALA A 92 -7.57 2.82 -2.38
CA ALA A 92 -8.97 2.56 -2.69
C ALA A 92 -9.72 3.84 -3.07
N GLU A 93 -9.43 4.93 -2.39
CA GLU A 93 -10.06 6.20 -2.71
C GLU A 93 -9.68 6.69 -4.09
N ALA A 94 -8.41 6.55 -4.46
CA ALA A 94 -7.96 6.94 -5.78
C ALA A 94 -8.59 6.05 -6.85
N ALA A 95 -8.67 4.75 -6.57
CA ALA A 95 -9.28 3.84 -7.51
C ALA A 95 -10.75 4.23 -7.73
N LYS A 96 -11.46 4.50 -6.66
N LYS A 96 -11.45 4.55 -6.66
CA LYS A 96 -12.86 4.93 -6.77
CA LYS A 96 -12.86 4.90 -6.78
C LYS A 96 -12.97 6.17 -7.65
C LYS A 96 -13.03 6.19 -7.58
N ARG A 97 -12.16 7.17 -7.37
CA ARG A 97 -12.27 8.43 -8.07
C ARG A 97 -11.97 8.28 -9.55
N ALA A 98 -11.05 7.35 -9.88
CA ALA A 98 -10.61 7.16 -11.24
C ALA A 98 -11.30 6.02 -11.97
N GLY A 99 -12.21 5.32 -11.30
CA GLY A 99 -12.91 4.20 -11.90
C GLY A 99 -12.07 2.96 -12.15
N ILE A 100 -11.11 2.72 -11.28
N ILE A 100 -11.08 2.74 -11.28
CA ILE A 100 -10.22 1.57 -11.45
CA ILE A 100 -10.19 1.59 -11.41
C ILE A 100 -10.70 0.38 -10.64
C ILE A 100 -10.73 0.38 -10.64
N THR A 101 -10.89 -0.73 -11.35
CA THR A 101 -11.28 -2.00 -10.74
C THR A 101 -10.39 -3.17 -11.14
N SER A 102 -9.39 -2.92 -11.99
CA SER A 102 -8.51 -3.97 -12.46
C SER A 102 -7.77 -4.63 -11.32
N SER A 103 -7.85 -5.96 -11.24
CA SER A 103 -7.18 -6.70 -10.19
C SER A 103 -5.66 -6.56 -10.32
N GLU A 104 -5.14 -6.58 -11.53
CA GLU A 104 -3.70 -6.51 -11.73
C GLU A 104 -3.15 -5.12 -11.41
N VAL A 105 -3.90 -4.09 -11.72
CA VAL A 105 -3.48 -2.74 -11.39
C VAL A 105 -3.47 -2.57 -9.88
N LEU A 106 -4.52 -3.00 -9.19
CA LEU A 106 -4.59 -2.86 -7.74
C LEU A 106 -3.50 -3.63 -7.04
N GLU A 107 -3.21 -4.85 -7.51
N GLU A 107 -3.20 -4.84 -7.51
CA GLU A 107 -2.12 -5.62 -6.93
CA GLU A 107 -2.12 -5.62 -6.93
C GLU A 107 -0.78 -4.87 -7.04
C GLU A 107 -0.76 -4.89 -7.05
N LEU A 108 -0.51 -4.30 -8.21
CA LEU A 108 0.71 -3.53 -8.40
C LEU A 108 0.78 -2.31 -7.51
N ALA A 109 -0.34 -1.61 -7.33
CA ALA A 109 -0.36 -0.42 -6.47
C ALA A 109 -0.03 -0.82 -5.03
N ILE A 110 -0.63 -1.91 -4.57
CA ILE A 110 -0.37 -2.37 -3.21
C ILE A 110 1.07 -2.83 -3.03
N ARG A 111 1.60 -3.53 -4.02
CA ARG A 111 2.99 -3.96 -4.00
C ARG A 111 3.93 -2.74 -3.92
N LEU A 112 3.62 -1.69 -4.66
CA LEU A 112 4.41 -0.48 -4.62
C LEU A 112 4.43 0.11 -3.21
N ILE A 113 3.28 0.18 -2.55
N ILE A 113 3.26 0.18 -2.56
CA ILE A 113 3.29 0.67 -1.18
CA ILE A 113 3.20 0.65 -1.18
C ILE A 113 4.18 -0.16 -0.30
C ILE A 113 4.11 -0.21 -0.30
N LYS A 114 4.03 -1.47 -0.38
N LYS A 114 4.00 -1.52 -0.44
CA LYS A 114 4.83 -2.36 0.45
CA LYS A 114 4.81 -2.46 0.36
C LYS A 114 6.32 -2.13 0.22
C LYS A 114 6.28 -2.15 0.21
N GLU A 115 6.71 -2.00 -1.03
CA GLU A 115 8.13 -1.85 -1.35
C GLU A 115 8.69 -0.51 -0.85
N VAL A 116 7.93 0.58 -1.03
CA VAL A 116 8.38 1.89 -0.59
C VAL A 116 8.43 1.95 0.95
N VAL A 117 7.43 1.39 1.61
CA VAL A 117 7.42 1.38 3.06
C VAL A 117 8.53 0.50 3.63
N GLU A 118 8.76 -0.66 3.03
N GLU A 118 8.75 -0.67 3.04
CA GLU A 118 9.81 -1.55 3.53
CA GLU A 118 9.81 -1.52 3.56
C GLU A 118 11.16 -0.85 3.43
C GLU A 118 11.18 -0.87 3.41
N ASN A 119 11.39 -0.17 2.33
N ASN A 119 11.37 -0.12 2.32
CA ASN A 119 12.61 0.59 2.17
CA ASN A 119 12.62 0.62 2.12
C ASN A 119 12.75 1.62 3.28
C ASN A 119 12.78 1.72 3.19
N ALA A 120 11.68 2.38 3.54
CA ALA A 120 11.72 3.41 4.56
C ALA A 120 12.03 2.79 5.92
N GLN A 121 11.45 1.64 6.20
CA GLN A 121 11.69 0.98 7.48
C GLN A 121 13.14 0.54 7.61
N ARG A 122 13.70 0.00 6.54
N ARG A 122 13.71 0.03 6.54
N ARG A 122 13.71 0.03 6.54
CA ARG A 122 15.10 -0.36 6.53
CA ARG A 122 15.11 -0.38 6.55
CA ARG A 122 15.12 -0.37 6.56
C ARG A 122 15.98 0.85 6.86
C ARG A 122 16.04 0.81 6.76
C ARG A 122 16.03 0.83 6.80
N GLU A 123 15.65 1.98 6.25
CA GLU A 123 16.47 3.18 6.39
C GLU A 123 16.21 3.99 7.64
N GLY A 124 15.18 3.63 8.40
CA GLY A 124 14.82 4.36 9.59
C GLY A 124 13.98 5.60 9.39
N TYR A 125 13.27 5.67 8.27
CA TYR A 125 12.42 6.83 7.94
C TYR A 125 10.98 6.58 8.39
N ASP A 126 10.17 7.62 8.37
CA ASP A 126 8.78 7.51 8.81
C ASP A 126 7.92 6.70 7.85
N ILE A 127 7.14 5.77 8.41
CA ILE A 127 6.28 4.91 7.60
C ILE A 127 5.20 5.70 6.85
N SER A 128 4.48 6.58 7.53
N SER A 128 4.49 6.57 7.56
CA SER A 128 3.37 7.26 6.87
CA SER A 128 3.40 7.32 6.93
C SER A 128 3.86 8.23 5.78
C SER A 128 3.88 8.19 5.79
N GLU A 129 5.00 8.87 5.98
CA GLU A 129 5.57 9.71 4.94
C GLU A 129 5.86 8.89 3.66
N ALA A 130 6.46 7.72 3.84
CA ALA A 130 6.80 6.87 2.72
C ALA A 130 5.53 6.34 2.06
N ALA A 131 4.58 5.91 2.88
CA ALA A 131 3.31 5.42 2.37
C ALA A 131 2.56 6.51 1.59
N ARG A 132 2.66 7.76 2.06
CA ARG A 132 2.02 8.87 1.36
C ARG A 132 2.62 9.04 -0.04
N ALA A 133 3.93 8.94 -0.13
CA ALA A 133 4.60 9.08 -1.41
C ALA A 133 4.16 7.99 -2.39
N ALA A 134 4.11 6.75 -1.91
CA ALA A 134 3.72 5.65 -2.78
C ALA A 134 2.26 5.78 -3.21
N ALA A 135 1.38 6.06 -2.27
CA ALA A 135 -0.04 6.18 -2.60
C ALA A 135 -0.27 7.39 -3.51
N GLU A 136 0.42 8.49 -3.28
CA GLU A 136 0.25 9.67 -4.11
C GLU A 136 0.73 9.42 -5.51
N ALA A 137 1.78 8.63 -5.67
CA ALA A 137 2.25 8.29 -7.00
C ALA A 137 1.15 7.52 -7.76
N PHE A 138 0.54 6.55 -7.09
CA PHE A 138 -0.59 5.85 -7.71
C PHE A 138 -1.73 6.80 -8.04
N LYS A 139 -2.11 7.64 -7.08
CA LYS A 139 -3.20 8.59 -7.31
C LYS A 139 -2.93 9.45 -8.54
N ARG A 140 -1.71 9.96 -8.67
N ARG A 140 -1.70 9.92 -8.64
CA ARG A 140 -1.43 10.84 -9.79
CA ARG A 140 -1.31 10.78 -9.75
C ARG A 140 -1.56 10.12 -11.13
C ARG A 140 -1.50 10.06 -11.08
N VAL A 141 -1.07 8.89 -11.16
N VAL A 141 -1.06 8.81 -11.18
CA VAL A 141 -1.18 8.07 -12.36
CA VAL A 141 -1.20 8.10 -12.45
C VAL A 141 -2.66 7.78 -12.68
C VAL A 141 -2.64 7.66 -12.73
N ALA A 142 -3.39 7.30 -11.68
CA ALA A 142 -4.79 6.93 -11.84
C ALA A 142 -5.62 8.10 -12.35
N GLU A 143 -5.46 9.26 -11.70
CA GLU A 143 -6.22 10.43 -12.10
C GLU A 143 -5.83 10.88 -13.50
N ALA A 144 -4.56 10.79 -13.84
CA ALA A 144 -4.12 11.16 -15.18
C ALA A 144 -4.72 10.22 -16.23
N ALA A 145 -4.76 8.92 -15.92
CA ALA A 145 -5.31 7.94 -16.85
C ALA A 145 -6.81 8.25 -17.07
N LYS A 146 -7.57 8.49 -16.01
CA LYS A 146 -8.98 8.84 -16.18
C LYS A 146 -9.15 10.09 -17.02
N ARG A 147 -8.39 11.13 -16.71
CA ARG A 147 -8.53 12.38 -17.41
C ARG A 147 -8.26 12.19 -18.89
N ALA A 148 -7.29 11.33 -19.24
CA ALA A 148 -6.89 11.11 -20.61
C ALA A 148 -7.75 10.06 -21.31
N GLY A 149 -8.68 9.44 -20.61
CA GLY A 149 -9.53 8.42 -21.20
C GLY A 149 -8.78 7.12 -21.47
N ILE A 150 -7.74 6.85 -20.69
CA ILE A 150 -6.98 5.61 -20.84
C ILE A 150 -7.70 4.53 -20.08
N THR A 151 -8.20 3.56 -20.83
CA THR A 151 -8.98 2.46 -20.27
C THR A 151 -8.16 1.17 -20.22
N SER A 152 -6.97 1.18 -20.82
CA SER A 152 -6.14 0.00 -20.91
C SER A 152 -5.55 -0.41 -19.57
N SER A 153 -5.77 -1.66 -19.19
N SER A 153 -5.79 -1.66 -19.18
CA SER A 153 -5.13 -2.18 -17.99
CA SER A 153 -5.12 -2.21 -18.00
C SER A 153 -3.63 -2.35 -18.19
C SER A 153 -3.62 -2.21 -18.21
N GLU A 154 -3.19 -2.66 -19.41
N GLU A 154 -3.18 -2.65 -19.38
CA GLU A 154 -1.76 -2.78 -19.70
CA GLU A 154 -1.75 -2.78 -19.63
C GLU A 154 -1.06 -1.45 -19.52
C GLU A 154 -1.04 -1.44 -19.52
N THR A 155 -1.66 -0.37 -20.00
CA THR A 155 -1.05 0.94 -19.88
C THR A 155 -0.84 1.31 -18.40
N LEU A 156 -1.87 1.07 -17.58
N LEU A 156 -1.86 1.08 -17.59
CA LEU A 156 -1.78 1.41 -16.17
CA LEU A 156 -1.78 1.39 -16.17
C LEU A 156 -0.80 0.49 -15.43
C LEU A 156 -0.76 0.50 -15.46
N LYS A 157 -0.79 -0.79 -15.77
CA LYS A 157 0.19 -1.69 -15.18
C LYS A 157 1.60 -1.24 -15.52
N ARG A 158 1.84 -0.87 -16.78
N ARG A 158 1.83 -0.90 -16.78
CA ARG A 158 3.15 -0.44 -17.20
CA ARG A 158 3.14 -0.45 -17.22
C ARG A 158 3.57 0.85 -16.52
C ARG A 158 3.54 0.79 -16.42
N ALA A 159 2.59 1.70 -16.21
CA ALA A 159 2.89 2.95 -15.52
C ALA A 159 3.37 2.66 -14.09
N ILE A 160 2.69 1.76 -13.41
CA ILE A 160 3.08 1.41 -12.05
C ILE A 160 4.39 0.64 -12.04
N GLU A 161 4.59 -0.24 -13.02
CA GLU A 161 5.86 -0.96 -13.12
C GLU A 161 7.01 0.01 -13.31
N GLU A 162 6.81 1.09 -14.06
CA GLU A 162 7.87 2.06 -14.25
C GLU A 162 8.19 2.75 -12.92
N ILE A 163 7.18 3.07 -12.12
CA ILE A 163 7.43 3.61 -10.79
C ILE A 163 8.27 2.61 -9.97
N ARG A 164 7.87 1.34 -9.97
CA ARG A 164 8.60 0.32 -9.26
C ARG A 164 10.06 0.23 -9.74
N LYS A 165 10.26 0.33 -11.05
N LYS A 165 10.24 0.29 -11.06
CA LYS A 165 11.59 0.23 -11.62
CA LYS A 165 11.57 0.26 -11.64
C LYS A 165 12.47 1.41 -11.19
C LYS A 165 12.41 1.37 -11.03
N ARG A 166 11.89 2.60 -11.10
CA ARG A 166 12.64 3.76 -10.65
C ARG A 166 12.94 3.71 -9.16
N VAL A 167 12.01 3.20 -8.37
CA VAL A 167 12.24 2.98 -6.95
C VAL A 167 13.37 1.97 -6.74
N GLU A 168 13.35 0.87 -7.48
CA GLU A 168 14.39 -0.16 -7.37
C GLU A 168 15.75 0.41 -7.73
N GLU A 169 15.80 1.21 -8.78
CA GLU A 169 17.04 1.85 -9.21
C GLU A 169 17.56 2.75 -8.09
N ALA A 170 16.68 3.56 -7.51
CA ALA A 170 17.06 4.45 -6.42
C ALA A 170 17.61 3.65 -5.25
N GLN A 171 17.04 2.49 -4.95
N GLN A 171 16.98 2.53 -4.92
CA GLN A 171 17.58 1.61 -3.92
CA GLN A 171 17.40 1.65 -3.83
C GLN A 171 18.97 1.10 -4.25
C GLN A 171 18.84 1.21 -3.98
N ARG A 172 19.19 0.64 -5.47
N ARG A 172 19.22 0.83 -5.20
CA ARG A 172 20.52 0.18 -5.87
CA ARG A 172 20.58 0.40 -5.45
C ARG A 172 21.56 1.29 -5.75
C ARG A 172 21.55 1.56 -5.44
N GLU A 173 21.17 2.52 -6.03
N GLU A 173 21.18 2.65 -6.10
CA GLU A 173 22.13 3.62 -6.17
CA GLU A 173 22.07 3.80 -6.24
C GLU A 173 22.26 4.48 -4.91
C GLU A 173 22.13 4.65 -4.97
N GLY A 174 21.37 4.28 -3.94
CA GLY A 174 21.38 5.03 -2.71
C GLY A 174 20.73 6.41 -2.83
N ASN A 175 19.77 6.54 -3.74
CA ASN A 175 19.03 7.79 -3.93
C ASN A 175 17.67 7.77 -3.22
N ASP A 176 17.00 8.92 -3.23
CA ASP A 176 15.74 9.09 -2.50
C ASP A 176 14.62 8.32 -3.20
N ILE A 177 14.08 7.32 -2.52
CA ILE A 177 13.03 6.48 -3.11
C ILE A 177 11.71 7.24 -3.34
N SER A 178 11.32 8.06 -2.37
N SER A 178 11.34 8.06 -2.35
CA SER A 178 10.06 8.79 -2.49
CA SER A 178 10.11 8.84 -2.43
C SER A 178 10.12 9.78 -3.65
C SER A 178 10.13 9.77 -3.64
N GLU A 179 11.26 10.44 -3.84
CA GLU A 179 11.43 11.35 -4.98
C GLU A 179 11.40 10.60 -6.31
N ALA A 180 12.01 9.42 -6.33
CA ALA A 180 11.99 8.60 -7.54
C ALA A 180 10.54 8.25 -7.91
N ALA A 181 9.76 7.87 -6.90
CA ALA A 181 8.36 7.49 -7.14
C ALA A 181 7.57 8.69 -7.66
N ARG A 182 7.76 9.84 -7.03
N ARG A 182 7.81 9.85 -7.04
CA ARG A 182 6.96 11.00 -7.39
CA ARG A 182 7.14 11.09 -7.42
C ARG A 182 7.35 11.51 -8.79
C ARG A 182 7.43 11.45 -8.86
N GLN A 183 8.63 11.42 -9.13
N GLN A 183 8.71 11.45 -9.21
CA GLN A 183 9.09 11.87 -10.45
CA GLN A 183 9.13 11.88 -10.54
C GLN A 183 8.53 10.94 -11.52
C GLN A 183 8.61 10.92 -11.59
N ALA A 184 8.58 9.64 -11.28
CA ALA A 184 8.04 8.68 -12.22
C ALA A 184 6.54 8.92 -12.49
N ALA A 185 5.79 9.18 -11.45
CA ALA A 185 4.37 9.44 -11.63
C ALA A 185 4.14 10.72 -12.44
N GLU A 186 4.93 11.77 -12.19
N GLU A 186 4.95 11.74 -12.19
CA GLU A 186 4.77 13.00 -12.95
CA GLU A 186 4.83 12.99 -12.93
C GLU A 186 5.14 12.83 -14.43
C GLU A 186 5.11 12.79 -14.42
N GLU A 187 6.13 11.98 -14.71
CA GLU A 187 6.45 11.66 -16.09
C GLU A 187 5.28 11.00 -16.79
N PHE A 188 4.60 10.06 -16.12
CA PHE A 188 3.43 9.44 -16.72
C PHE A 188 2.34 10.47 -16.96
N ARG A 189 2.10 11.31 -15.97
CA ARG A 189 1.06 12.32 -16.10
C ARG A 189 1.32 13.20 -17.32
N LYS A 190 2.55 13.66 -17.50
CA LYS A 190 2.88 14.48 -18.64
C LYS A 190 2.56 13.77 -19.96
N LYS A 191 2.89 12.47 -20.03
CA LYS A 191 2.61 11.71 -21.25
C LYS A 191 1.12 11.48 -21.48
N ALA A 192 0.39 11.22 -20.40
CA ALA A 192 -1.06 11.03 -20.52
C ALA A 192 -1.74 12.31 -21.01
N GLU A 193 -1.31 13.45 -20.47
CA GLU A 193 -1.92 14.73 -20.83
C GLU A 193 -1.62 15.08 -22.29
N GLU A 194 -0.43 14.71 -22.73
CA GLU A 194 -0.03 14.93 -24.10
C GLU A 194 -0.91 14.10 -25.04
N LEU A 195 -1.17 12.87 -24.62
CA LEU A 195 -2.05 11.97 -25.37
C LEU A 195 -3.47 12.54 -25.41
N LYS A 196 -3.96 12.96 -24.25
CA LYS A 196 -5.31 13.51 -24.14
C LYS A 196 -5.47 14.23 -22.80
C1 EDO B . -6.57 3.29 11.28
O1 EDO B . -6.18 3.90 12.52
C2 EDO B . -7.65 2.28 11.55
O2 EDO B . -8.81 2.89 12.12
H11 EDO B . -5.71 2.80 10.82
H12 EDO B . -6.94 4.06 10.59
HO1 EDO B . -5.49 4.55 12.35
H21 EDO B . -7.27 1.52 12.24
H22 EDO B . -7.93 1.78 10.61
HO2 EDO B . -9.49 2.22 12.28
N UNL C . 9.88 11.37 10.87
CA UNL C . 9.25 12.65 11.27
CB UNL C . 10.09 13.33 12.35
CG UNL C . 9.89 12.84 13.79
CD1 UNL C . 10.64 11.88 14.38
NE1 UNL C . 10.21 11.66 15.66
CE2 UNL C . 9.17 12.49 15.94
CD2 UNL C . 8.93 13.26 14.79
CE3 UNL C . 7.87 14.18 14.82
CZ3 UNL C . 7.12 14.29 15.99
CH2 UNL C . 7.37 13.51 17.08
CZ2 UNL C . 8.39 12.60 17.08
C UNL C . 9.12 13.53 10.02
O UNL C . 9.84 13.36 9.02
OXT UNL C . 8.26 14.41 9.95
H1 UNL C . 9.44 10.69 11.26
H2 UNL C . 9.84 11.29 9.99
H3 UNL C . 10.73 11.37 11.13
HA UNL C . 8.36 12.48 11.62
HB2 UNL C . 11.03 13.21 12.13
HB3 UNL C . 9.88 14.28 12.34
HD1 UNL C . 11.35 11.44 13.98
HE1 UNL C . 10.56 11.09 16.21
HE3 UNL C . 7.68 14.69 14.07
HZ2 UNL C . 8.58 12.08 17.84
HZ3 UNL C . 6.42 14.90 16.01
HH2 UNL C . 6.86 13.62 17.85
#